data_5DYJ
#
_entry.id   5DYJ
#
_cell.length_a   84.140
_cell.length_b   110.250
_cell.length_c   79.250
_cell.angle_alpha   90.00
_cell.angle_beta   90.00
_cell.angle_gamma   90.00
#
_symmetry.space_group_name_H-M   'P 21 21 2'
#
loop_
_entity.id
_entity.type
_entity.pdbx_description
1 polymer 'Myosin heavy chain kinase A'
2 non-polymer 'PHOSPHATE ION'
3 non-polymer 'ZINC ION'
4 non-polymer GLYCEROL
5 non-polymer 'ADENOSINE MONOPHOSPHATE'
6 water water
#
_entity_poly.entity_id   1
_entity_poly.type   'polypeptide(L)'
_entity_poly.pdbx_seq_one_letter_code
;MGGHHHHHHGENLYFQGISSETGEMGILWEFDPIINKWIRLSMKLKVERKPFAEGALREAYHTVSLGVGTDENYPLG
(TPO)TTKLFPPIEMISPISKNNEAMTQLKNGTKFVLKLYKKEAEQQASRELYFEAVKMQMVCRDWGNKFNQKKPPKKIE
FLMSWVVELIDRSPSSNGQPILCSIEPLLVGEFKKNNSNYGAVLTNRSTPQAFSHFTYELSNKQMIVVDIQGVDDLYTDP
QIHTPDGKGFGLGNLGKAGINKFITTHKCNAVCALLDLDVKLGGVLSGNNNQQLQQGTMVKADILPELMPSDNT
;
_entity_poly.pdbx_strand_id   A,B
#
loop_
_chem_comp.id
_chem_comp.type
_chem_comp.name
_chem_comp.formula
AMP non-polymer 'ADENOSINE MONOPHOSPHATE' 'C10 H14 N5 O7 P'
GOL non-polymer GLYCEROL 'C3 H8 O3'
PO4 non-polymer 'PHOSPHATE ION' 'O4 P -3'
ZN non-polymer 'ZINC ION' 'Zn 2'
#
# COMPACT_ATOMS: atom_id res chain seq x y z
N ILE A 18 -29.98 0.56 -7.28
CA ILE A 18 -30.67 1.65 -6.60
C ILE A 18 -32.17 1.38 -6.52
N SER A 19 -32.66 1.18 -5.30
CA SER A 19 -34.07 0.88 -5.09
C SER A 19 -34.93 2.14 -5.25
N SER A 20 -36.14 1.95 -5.78
CA SER A 20 -37.12 3.03 -5.88
C SER A 20 -37.79 3.33 -4.55
N GLU A 21 -37.37 2.69 -3.47
CA GLU A 21 -37.92 2.90 -2.14
C GLU A 21 -37.50 4.27 -1.61
N THR A 22 -38.26 4.74 -0.61
CA THR A 22 -38.03 6.06 -0.04
C THR A 22 -36.68 6.13 0.69
N GLY A 23 -35.87 7.11 0.31
CA GLY A 23 -34.60 7.33 0.96
C GLY A 23 -34.04 8.67 0.60
N GLU A 24 -32.71 8.79 0.70
CA GLU A 24 -32.00 9.98 0.28
C GLU A 24 -30.76 9.59 -0.52
N MET A 25 -30.37 10.45 -1.45
CA MET A 25 -29.25 10.18 -2.32
C MET A 25 -27.95 10.74 -1.74
N GLY A 26 -26.83 10.20 -2.20
CA GLY A 26 -25.53 10.67 -1.77
C GLY A 26 -24.47 10.33 -2.77
N ILE A 27 -23.42 11.16 -2.82
CA ILE A 27 -22.21 10.88 -3.57
C ILE A 27 -21.28 10.07 -2.68
N LEU A 28 -20.75 8.97 -3.20
CA LEU A 28 -20.00 7.99 -2.42
C LEU A 28 -18.54 7.98 -2.85
N TRP A 29 -17.63 8.08 -1.89
CA TRP A 29 -16.20 8.19 -2.16
C TRP A 29 -15.47 7.04 -1.47
N GLU A 30 -14.71 6.28 -2.27
CA GLU A 30 -13.88 5.19 -1.76
C GLU A 30 -12.43 5.44 -2.18
N PHE A 31 -11.50 5.26 -1.25
CA PHE A 31 -10.08 5.44 -1.53
C PHE A 31 -9.41 4.08 -1.66
N ASP A 32 -8.59 3.92 -2.69
CA ASP A 32 -7.88 2.67 -2.96
C ASP A 32 -6.38 2.91 -2.89
N PRO A 33 -5.70 2.47 -1.83
CA PRO A 33 -4.29 2.83 -1.66
C PRO A 33 -3.35 2.23 -2.69
N ILE A 34 -3.67 1.04 -3.23
CA ILE A 34 -2.69 0.40 -4.11
C ILE A 34 -2.59 1.14 -5.44
N ILE A 35 -3.67 1.80 -5.89
CA ILE A 35 -3.59 2.69 -7.03
C ILE A 35 -3.54 4.16 -6.62
N ASN A 36 -3.75 4.46 -5.34
CA ASN A 36 -3.63 5.81 -4.80
C ASN A 36 -4.57 6.78 -5.51
N LYS A 37 -5.84 6.38 -5.64
CA LYS A 37 -6.85 7.24 -6.24
C LYS A 37 -8.17 7.05 -5.52
N TRP A 38 -9.03 8.07 -5.64
CA TRP A 38 -10.38 8.02 -5.14
C TRP A 38 -11.34 7.49 -6.21
N ILE A 39 -12.36 6.78 -5.76
CA ILE A 39 -13.38 6.20 -6.62
C ILE A 39 -14.71 6.85 -6.26
N ARG A 40 -15.34 7.50 -7.24
CA ARG A 40 -16.54 8.29 -7.00
C ARG A 40 -17.77 7.54 -7.47
N LEU A 41 -18.76 7.43 -6.60
CA LEU A 41 -19.96 6.63 -6.85
C LEU A 41 -21.18 7.41 -6.35
N SER A 42 -22.32 6.74 -6.35
CA SER A 42 -23.54 7.26 -5.74
C SER A 42 -24.25 6.13 -5.02
N MET A 43 -25.08 6.48 -4.04
CA MET A 43 -25.89 5.49 -3.34
C MET A 43 -27.14 6.16 -2.80
N LYS A 44 -28.11 5.33 -2.42
CA LYS A 44 -29.30 5.76 -1.70
C LYS A 44 -29.33 5.08 -0.35
N LEU A 45 -29.72 5.82 0.69
CA LEU A 45 -29.67 5.29 2.04
C LEU A 45 -30.81 5.88 2.87
N LYS A 46 -31.17 5.15 3.93
CA LYS A 46 -32.24 5.54 4.84
C LYS A 46 -31.65 5.62 6.25
N VAL A 47 -31.64 6.84 6.82
CA VAL A 47 -31.04 7.08 8.12
C VAL A 47 -32.13 7.22 9.16
N GLU A 48 -31.91 6.60 10.32
CA GLU A 48 -32.79 6.82 11.46
C GLU A 48 -32.64 8.25 11.97
N ARG A 49 -33.72 8.76 12.58
CA ARG A 49 -33.74 10.16 12.96
C ARG A 49 -32.86 10.44 14.17
N LYS A 50 -32.73 9.48 15.09
CA LYS A 50 -31.96 9.67 16.32
C LYS A 50 -30.69 8.82 16.31
N PRO A 51 -29.58 9.34 16.83
CA PRO A 51 -28.36 8.54 16.89
C PRO A 51 -28.41 7.52 18.03
N PHE A 52 -27.64 6.45 17.86
CA PHE A 52 -27.60 5.36 18.85
C PHE A 52 -26.35 5.39 19.72
N ALA A 53 -25.38 6.23 19.40
CA ALA A 53 -24.17 6.34 20.21
C ALA A 53 -23.50 7.67 19.90
N GLU A 54 -22.53 8.03 20.72
CA GLU A 54 -21.82 9.29 20.52
C GLU A 54 -20.41 9.19 21.07
N GLY A 55 -19.49 9.86 20.41
CA GLY A 55 -18.15 10.08 20.92
C GLY A 55 -17.93 11.52 21.33
N ALA A 56 -16.66 11.90 21.37
CA ALA A 56 -16.33 13.28 21.74
C ALA A 56 -16.79 14.26 20.66
N LEU A 57 -16.52 13.94 19.40
CA LEU A 57 -16.75 14.86 18.29
C LEU A 57 -17.97 14.51 17.44
N ARG A 58 -18.36 13.23 17.37
CA ARG A 58 -19.34 12.80 16.38
C ARG A 58 -20.44 11.97 17.03
N GLU A 59 -21.54 11.84 16.29
CA GLU A 59 -22.66 10.98 16.64
C GLU A 59 -22.85 9.93 15.55
N ALA A 60 -23.31 8.74 15.96
CA ALA A 60 -23.44 7.61 15.06
C ALA A 60 -24.91 7.24 14.88
N TYR A 61 -25.28 6.93 13.64
CA TYR A 61 -26.67 6.63 13.28
C TYR A 61 -26.75 5.27 12.60
N HIS A 62 -27.83 4.55 12.87
CA HIS A 62 -28.13 3.31 12.14
C HIS A 62 -28.69 3.65 10.77
N THR A 63 -28.19 2.99 9.73
CA THR A 63 -28.56 3.28 8.36
C THR A 63 -28.71 1.98 7.59
N VAL A 64 -29.62 1.99 6.61
CA VAL A 64 -29.85 0.85 5.72
C VAL A 64 -29.58 1.30 4.30
N SER A 65 -28.79 0.51 3.57
CA SER A 65 -28.45 0.81 2.19
C SER A 65 -29.59 0.46 1.25
N LEU A 66 -29.86 1.36 0.31
CA LEU A 66 -30.86 1.14 -0.73
C LEU A 66 -30.23 0.99 -2.11
N GLY A 67 -28.94 0.63 -2.17
CA GLY A 67 -28.28 0.38 -3.43
C GLY A 67 -27.12 1.31 -3.72
N VAL A 68 -26.15 0.83 -4.50
CA VAL A 68 -24.99 1.60 -4.92
C VAL A 68 -24.98 1.65 -6.44
N GLY A 69 -24.77 2.85 -7.00
CA GLY A 69 -24.70 3.01 -8.43
C GLY A 69 -23.52 3.87 -8.87
N THR A 70 -23.55 4.34 -10.11
CA THR A 70 -22.49 5.20 -10.62
C THR A 70 -22.81 6.67 -10.34
N ASP A 71 -21.86 7.54 -10.68
CA ASP A 71 -22.01 8.97 -10.47
C ASP A 71 -22.28 9.72 -11.77
N GLU A 72 -22.90 9.07 -12.75
CA GLU A 72 -23.06 9.70 -14.06
C GLU A 72 -24.03 10.88 -14.02
N ASN A 73 -25.01 10.85 -13.11
CA ASN A 73 -26.01 11.91 -13.06
C ASN A 73 -25.53 13.16 -12.34
N TYR A 74 -24.38 13.11 -11.67
CA TYR A 74 -23.91 14.19 -10.80
C TYR A 74 -22.50 14.59 -11.20
N PRO A 75 -22.36 15.31 -12.32
CA PRO A 75 -21.02 15.63 -12.82
C PRO A 75 -20.22 16.49 -11.85
N LEU A 76 -18.90 16.34 -11.90
CA LEU A 76 -18.02 17.15 -11.07
C LEU A 76 -17.97 18.59 -11.55
N GLY A 77 -18.19 18.82 -12.83
CA GLY A 77 -18.17 20.17 -13.39
C GLY A 77 -16.78 20.74 -13.53
N TPO A 78 -16.46 21.72 -12.70
CA TPO A 78 -15.18 22.42 -12.80
CB TPO A 78 -15.30 23.85 -12.29
CG2 TPO A 78 -15.89 23.87 -10.88
OG1 TPO A 78 -14.00 24.45 -12.27
P TPO A 78 -13.81 25.28 -13.63
O1P TPO A 78 -13.74 26.86 -13.28
O2P TPO A 78 -15.07 25.03 -14.63
O3P TPO A 78 -12.57 24.87 -14.31
C TPO A 78 -14.04 21.68 -12.10
O TPO A 78 -14.20 21.14 -11.01
N THR A 79 -12.88 21.67 -12.75
CA THR A 79 -11.68 21.04 -12.23
C THR A 79 -11.02 21.93 -11.17
N THR A 80 -11.09 23.24 -11.39
CA THR A 80 -10.50 24.20 -10.46
C THR A 80 -11.26 24.17 -9.14
N LYS A 81 -10.52 24.33 -8.04
CA LYS A 81 -11.02 24.36 -6.67
C LYS A 81 -11.65 23.04 -6.24
N LEU A 82 -11.46 21.97 -7.01
CA LEU A 82 -12.07 20.68 -6.71
C LEU A 82 -11.23 19.91 -5.71
N PHE A 83 -11.88 19.41 -4.65
CA PHE A 83 -11.20 18.51 -3.73
C PHE A 83 -12.01 17.24 -3.50
N PRO A 84 -11.36 16.07 -3.65
CA PRO A 84 -9.95 15.90 -4.02
C PRO A 84 -9.68 16.26 -5.48
N PRO A 85 -8.43 16.62 -5.81
CA PRO A 85 -8.13 17.08 -7.16
C PRO A 85 -8.39 16.01 -8.21
N ILE A 86 -8.49 16.45 -9.47
CA ILE A 86 -8.89 15.56 -10.54
C ILE A 86 -7.84 14.48 -10.81
N GLU A 87 -6.56 14.80 -10.61
CA GLU A 87 -5.52 13.80 -10.84
C GLU A 87 -5.54 12.70 -9.80
N MET A 88 -6.21 12.91 -8.66
CA MET A 88 -6.35 11.91 -7.62
C MET A 88 -7.63 11.07 -7.77
N ILE A 89 -8.35 11.23 -8.88
CA ILE A 89 -9.64 10.56 -9.07
C ILE A 89 -9.49 9.56 -10.21
N SER A 90 -9.87 8.32 -9.95
CA SER A 90 -9.85 7.30 -10.98
C SER A 90 -10.91 7.60 -12.03
N PRO A 91 -10.58 7.53 -13.33
CA PRO A 91 -11.62 7.72 -14.36
C PRO A 91 -12.56 6.54 -14.48
N ILE A 92 -12.24 5.39 -13.89
CA ILE A 92 -13.07 4.19 -13.97
C ILE A 92 -13.40 3.75 -12.56
N SER A 93 -14.68 3.44 -12.33
CA SER A 93 -15.20 3.11 -11.00
C SER A 93 -15.97 1.79 -11.01
N LYS A 94 -15.63 0.89 -11.92
CA LYS A 94 -16.42 -0.34 -12.08
C LYS A 94 -16.18 -1.31 -10.93
N ASN A 95 -14.99 -1.30 -10.34
CA ASN A 95 -14.66 -2.18 -9.22
C ASN A 95 -14.43 -1.35 -7.96
N ASN A 96 -14.96 -1.84 -6.85
CA ASN A 96 -14.90 -1.14 -5.57
C ASN A 96 -15.44 -2.08 -4.49
N GLU A 97 -15.09 -1.76 -3.23
CA GLU A 97 -15.60 -2.54 -2.12
C GLU A 97 -17.06 -2.21 -1.82
N ALA A 98 -17.49 -0.98 -2.15
CA ALA A 98 -18.82 -0.52 -1.75
C ALA A 98 -19.92 -1.38 -2.34
N MET A 99 -19.73 -1.88 -3.56
CA MET A 99 -20.80 -2.61 -4.23
C MET A 99 -21.17 -3.90 -3.52
N THR A 100 -20.23 -4.51 -2.80
CA THR A 100 -20.57 -5.71 -2.03
C THR A 100 -20.92 -5.38 -0.58
N GLN A 101 -20.09 -4.56 0.07
CA GLN A 101 -20.27 -4.29 1.50
C GLN A 101 -21.38 -3.29 1.79
N LEU A 102 -21.86 -2.57 0.78
CA LEU A 102 -22.96 -1.62 0.96
C LEU A 102 -24.12 -1.94 0.01
N LYS A 103 -24.23 -3.21 -0.39
CA LYS A 103 -25.29 -3.59 -1.31
C LYS A 103 -26.66 -3.40 -0.66
N ASN A 104 -27.69 -3.38 -1.50
CA ASN A 104 -29.05 -3.10 -1.06
C ASN A 104 -29.45 -4.01 0.09
N GLY A 105 -29.92 -3.40 1.18
CA GLY A 105 -30.34 -4.11 2.36
C GLY A 105 -29.33 -4.09 3.51
N THR A 106 -28.08 -3.76 3.23
CA THR A 106 -27.06 -3.76 4.27
C THR A 106 -27.37 -2.74 5.35
N LYS A 107 -27.23 -3.15 6.60
CA LYS A 107 -27.28 -2.23 7.73
C LYS A 107 -25.87 -1.74 8.03
N PHE A 108 -25.70 -0.43 8.13
CA PHE A 108 -24.38 0.13 8.41
C PHE A 108 -24.53 1.34 9.34
N VAL A 109 -23.45 2.08 9.49
CA VAL A 109 -23.36 3.17 10.46
C VAL A 109 -22.98 4.45 9.72
N LEU A 110 -23.66 5.55 10.06
CA LEU A 110 -23.37 6.87 9.53
C LEU A 110 -22.97 7.78 10.68
N LYS A 111 -21.97 8.64 10.46
CA LYS A 111 -21.43 9.47 11.52
C LYS A 111 -21.42 10.94 11.10
N LEU A 112 -22.04 11.78 11.93
CA LEU A 112 -22.07 13.22 11.74
C LEU A 112 -21.34 13.92 12.87
N TYR A 113 -20.74 15.07 12.56
CA TYR A 113 -20.10 15.88 13.58
C TYR A 113 -21.14 16.64 14.38
N LYS A 114 -20.88 16.79 15.68
CA LYS A 114 -21.74 17.57 16.53
C LYS A 114 -21.64 19.05 16.18
N LYS A 115 -22.74 19.77 16.39
CA LYS A 115 -22.75 21.21 16.19
C LYS A 115 -22.97 21.91 17.53
N GLU A 116 -21.93 22.56 18.06
CA GLU A 116 -20.58 22.54 17.53
C GLU A 116 -19.91 21.27 18.15
N ALA A 117 -18.69 20.88 17.76
CA ALA A 117 -17.79 21.65 16.91
C ALA A 117 -17.73 21.17 15.47
N GLU A 118 -18.80 21.42 14.72
CA GLU A 118 -18.72 21.34 13.28
C GLU A 118 -17.81 22.41 12.69
N GLN A 119 -17.53 23.46 13.47
CA GLN A 119 -16.65 24.52 13.00
C GLN A 119 -15.26 23.99 12.65
N GLN A 120 -14.82 22.91 13.29
CA GLN A 120 -13.50 22.34 13.07
C GLN A 120 -13.55 21.11 12.15
N ALA A 121 -14.45 21.12 11.16
CA ALA A 121 -14.57 20.02 10.20
C ALA A 121 -14.76 20.62 8.81
N SER A 122 -13.69 20.64 8.03
CA SER A 122 -13.74 21.11 6.66
C SER A 122 -13.90 19.92 5.72
N ARG A 123 -14.05 20.20 4.42
CA ARG A 123 -14.19 19.13 3.44
C ARG A 123 -12.93 18.26 3.39
N GLU A 124 -11.76 18.90 3.50
CA GLU A 124 -10.50 18.15 3.42
C GLU A 124 -10.36 17.16 4.57
N LEU A 125 -10.94 17.46 5.73
CA LEU A 125 -10.75 16.59 6.89
C LEU A 125 -11.58 15.32 6.82
N TYR A 126 -12.73 15.35 6.14
CA TYR A 126 -13.48 14.13 5.91
C TYR A 126 -12.68 13.15 5.06
N PHE A 127 -12.12 13.63 3.95
CA PHE A 127 -11.33 12.77 3.08
C PHE A 127 -10.04 12.33 3.75
N GLU A 128 -9.41 13.23 4.52
CA GLU A 128 -8.19 12.86 5.22
C GLU A 128 -8.44 11.76 6.25
N ALA A 129 -9.58 11.82 6.95
CA ALA A 129 -9.88 10.82 7.97
C ALA A 129 -10.13 9.46 7.34
N VAL A 130 -10.82 9.42 6.19
CA VAL A 130 -11.10 8.14 5.56
C VAL A 130 -9.83 7.55 4.94
N LYS A 131 -8.98 8.40 4.36
CA LYS A 131 -7.69 7.93 3.88
C LYS A 131 -6.85 7.35 5.01
N MET A 132 -6.94 7.96 6.20
CA MET A 132 -6.16 7.48 7.33
C MET A 132 -6.58 6.08 7.75
N GLN A 133 -7.89 5.81 7.75
CA GLN A 133 -8.35 4.48 8.10
C GLN A 133 -7.89 3.44 7.09
N MET A 134 -7.90 3.79 5.80
CA MET A 134 -7.39 2.88 4.78
C MET A 134 -5.91 2.61 4.98
N VAL A 135 -5.15 3.63 5.38
CA VAL A 135 -3.73 3.43 5.67
C VAL A 135 -3.56 2.47 6.85
N CYS A 136 -4.32 2.67 7.92
CA CYS A 136 -4.29 1.74 9.04
C CYS A 136 -4.73 0.35 8.63
N ARG A 137 -5.62 0.27 7.64
CA ARG A 137 -6.06 -1.02 7.12
C ARG A 137 -4.92 -1.80 6.48
N ASP A 138 -4.03 -1.11 5.76
CA ASP A 138 -2.85 -1.77 5.21
C ASP A 138 -1.93 -2.26 6.31
N TRP A 139 -1.78 -1.48 7.39
CA TRP A 139 -0.91 -1.90 8.48
C TRP A 139 -1.44 -3.13 9.18
N GLY A 140 -2.76 -3.26 9.29
CA GLY A 140 -3.34 -4.49 9.82
C GLY A 140 -2.95 -5.71 8.99
N ASN A 141 -3.00 -5.59 7.67
CA ASN A 141 -2.59 -6.70 6.81
C ASN A 141 -1.10 -6.99 6.95
N LYS A 142 -0.28 -5.95 7.07
CA LYS A 142 1.14 -6.13 7.32
C LYS A 142 1.37 -6.82 8.67
N PHE A 143 0.57 -6.44 9.67
CA PHE A 143 0.61 -7.10 10.98
C PHE A 143 0.23 -8.56 10.87
N ASN A 144 -0.82 -8.87 10.11
CA ASN A 144 -1.32 -10.24 10.03
C ASN A 144 -0.36 -11.17 9.30
N GLN A 145 0.47 -10.63 8.40
CA GLN A 145 1.41 -11.48 7.68
C GLN A 145 2.45 -12.10 8.62
N LYS A 146 2.74 -11.45 9.74
CA LYS A 146 3.65 -12.02 10.73
C LYS A 146 3.02 -13.16 11.53
N LYS A 147 1.75 -13.47 11.27
CA LYS A 147 1.04 -14.57 11.92
C LYS A 147 1.01 -14.41 13.43
N PRO A 148 0.38 -13.37 13.96
CA PRO A 148 0.26 -13.24 15.41
C PRO A 148 -0.81 -14.16 15.95
N PRO A 149 -0.90 -14.35 17.27
CA PRO A 149 -1.98 -15.19 17.81
C PRO A 149 -3.36 -14.70 17.42
N LYS A 150 -3.56 -13.39 17.37
CA LYS A 150 -4.82 -12.79 16.97
C LYS A 150 -4.57 -11.80 15.84
N LYS A 151 -5.23 -12.01 14.71
CA LYS A 151 -5.15 -11.08 13.59
C LYS A 151 -6.06 -9.90 13.84
N ILE A 152 -5.61 -8.71 13.43
CA ILE A 152 -6.40 -7.50 13.53
C ILE A 152 -6.86 -7.10 12.14
N GLU A 153 -7.95 -6.33 12.10
CA GLU A 153 -8.50 -5.86 10.83
C GLU A 153 -9.25 -4.56 11.08
N PHE A 154 -9.00 -3.57 10.23
CA PHE A 154 -9.71 -2.30 10.27
C PHE A 154 -10.83 -2.30 9.23
N LEU A 155 -11.99 -1.76 9.63
CA LEU A 155 -13.13 -1.67 8.74
C LEU A 155 -12.86 -0.72 7.58
N MET A 156 -13.59 -0.93 6.49
CA MET A 156 -13.65 0.05 5.42
C MET A 156 -14.30 1.34 5.93
N SER A 157 -14.05 2.42 5.20
CA SER A 157 -14.68 3.70 5.51
C SER A 157 -14.87 4.47 4.22
N TRP A 158 -15.90 5.32 4.20
CA TRP A 158 -16.27 6.06 3.00
C TRP A 158 -16.68 7.47 3.38
N VAL A 159 -16.48 8.41 2.46
CA VAL A 159 -17.06 9.74 2.56
C VAL A 159 -18.35 9.75 1.76
N VAL A 160 -19.39 10.37 2.32
CA VAL A 160 -20.68 10.50 1.65
C VAL A 160 -21.13 11.94 1.72
N GLU A 161 -21.50 12.51 0.57
CA GLU A 161 -22.08 13.84 0.48
C GLU A 161 -23.60 13.69 0.45
N LEU A 162 -24.27 14.13 1.50
CA LEU A 162 -25.73 13.98 1.61
C LEU A 162 -26.39 15.10 0.81
N ILE A 163 -26.44 14.90 -0.51
CA ILE A 163 -26.82 15.95 -1.44
C ILE A 163 -28.29 16.36 -1.32
N ASP A 164 -29.14 15.49 -0.76
CA ASP A 164 -30.55 15.85 -0.59
C ASP A 164 -30.80 16.74 0.62
N ARG A 165 -29.80 16.94 1.48
CA ARG A 165 -29.97 17.78 2.66
C ARG A 165 -29.55 19.20 2.34
N SER A 166 -30.39 20.15 2.76
CA SER A 166 -30.12 21.55 2.50
C SER A 166 -28.74 21.92 3.03
N PRO A 167 -27.94 22.64 2.25
CA PRO A 167 -26.59 22.97 2.70
C PRO A 167 -26.60 23.71 4.02
N SER A 168 -25.57 23.45 4.83
CA SER A 168 -25.14 24.42 5.81
C SER A 168 -25.11 25.79 5.14
N SER A 169 -25.49 26.83 5.88
CA SER A 169 -25.57 28.13 5.23
C SER A 169 -24.84 29.28 5.94
N ASN A 170 -23.51 29.40 5.89
CA ASN A 170 -22.43 28.51 5.37
C ASN A 170 -22.35 28.20 3.86
N GLY A 171 -23.38 27.62 3.26
CA GLY A 171 -23.32 27.34 1.83
C GLY A 171 -22.53 26.11 1.45
N GLN A 172 -22.22 25.23 2.41
CA GLN A 172 -21.51 24.00 2.13
C GLN A 172 -22.43 22.80 2.28
N PRO A 173 -22.32 21.80 1.40
CA PRO A 173 -23.17 20.61 1.53
C PRO A 173 -22.82 19.80 2.78
N ILE A 174 -23.79 19.00 3.20
CA ILE A 174 -23.62 18.16 4.38
C ILE A 174 -22.75 16.96 4.01
N LEU A 175 -21.68 16.75 4.77
CA LEU A 175 -20.81 15.61 4.60
C LEU A 175 -20.88 14.71 5.82
N CYS A 176 -20.47 13.45 5.62
CA CYS A 176 -20.44 12.47 6.68
C CYS A 176 -19.50 11.35 6.27
N SER A 177 -19.24 10.44 7.20
CA SER A 177 -18.53 9.21 6.91
C SER A 177 -19.41 8.04 7.27
N ILE A 178 -19.23 6.93 6.54
CA ILE A 178 -19.97 5.70 6.78
C ILE A 178 -18.98 4.54 6.87
N GLU A 179 -19.45 3.46 7.50
CA GLU A 179 -18.61 2.30 7.75
C GLU A 179 -19.54 1.13 8.14
N PRO A 180 -19.05 -0.11 8.06
CA PRO A 180 -19.87 -1.26 8.44
C PRO A 180 -20.29 -1.21 9.92
N LEU A 181 -21.33 -1.97 10.23
CA LEU A 181 -21.85 -2.06 11.58
C LEU A 181 -21.07 -3.11 12.37
N LEU A 182 -20.67 -2.75 13.59
CA LEU A 182 -20.03 -3.68 14.51
C LEU A 182 -21.06 -4.18 15.51
N VAL A 183 -21.17 -5.50 15.63
CA VAL A 183 -22.09 -6.13 16.57
C VAL A 183 -21.27 -6.73 17.70
N GLY A 184 -21.57 -6.32 18.93
CA GLY A 184 -20.86 -6.77 20.11
C GLY A 184 -20.54 -5.60 21.01
N GLU A 185 -19.73 -5.88 22.03
CA GLU A 185 -19.37 -4.84 22.99
C GLU A 185 -18.21 -4.02 22.43
N PHE A 186 -18.45 -2.71 22.29
CA PHE A 186 -17.45 -1.79 21.77
C PHE A 186 -16.53 -1.35 22.90
N LYS A 187 -15.21 -1.50 22.71
CA LYS A 187 -14.24 -1.18 23.75
C LYS A 187 -13.04 -0.46 23.16
N LYS A 188 -12.58 0.57 23.86
CA LYS A 188 -11.40 1.34 23.48
C LYS A 188 -10.20 0.85 24.27
N ASN A 189 -9.11 0.53 23.56
CA ASN A 189 -7.94 -0.07 24.19
C ASN A 189 -6.83 0.95 24.49
N ASN A 190 -6.63 1.93 23.62
CA ASN A 190 -5.76 3.04 23.97
C ASN A 190 -6.30 4.31 23.33
N SER A 191 -5.82 5.44 23.82
CA SER A 191 -6.20 6.75 23.32
C SER A 191 -5.11 7.28 22.39
N ASN A 192 -5.30 8.51 21.91
CA ASN A 192 -4.29 9.16 21.10
C ASN A 192 -3.33 10.00 21.93
N TYR A 193 -3.33 9.83 23.25
CA TYR A 193 -2.40 10.56 24.10
C TYR A 193 -2.07 9.76 25.37
N GLY A 194 -1.72 8.48 25.19
CA GLY A 194 -1.01 7.74 26.21
C GLY A 194 -1.83 6.82 27.08
N ALA A 195 -3.16 6.94 27.09
CA ALA A 195 -3.96 6.11 27.97
C ALA A 195 -3.94 4.66 27.51
N VAL A 196 -3.86 3.74 28.49
CA VAL A 196 -3.98 2.31 28.26
C VAL A 196 -5.20 1.85 29.03
N LEU A 197 -6.25 1.47 28.31
CA LEU A 197 -7.57 1.29 28.90
C LEU A 197 -8.02 -0.16 29.03
N THR A 198 -7.28 -1.13 28.48
CA THR A 198 -7.63 -2.54 28.63
C THR A 198 -6.36 -3.35 28.87
N ASN A 199 -6.56 -4.54 29.43
CA ASN A 199 -5.46 -5.47 29.71
C ASN A 199 -5.03 -6.27 28.49
N ARG A 200 -5.64 -6.05 27.33
CA ARG A 200 -5.34 -6.86 26.16
C ARG A 200 -3.98 -6.49 25.58
N SER A 201 -3.30 -7.51 25.04
CA SER A 201 -1.93 -7.36 24.55
C SER A 201 -1.85 -7.02 23.07
N THR A 202 -2.71 -7.61 22.24
CA THR A 202 -2.63 -7.39 20.81
C THR A 202 -2.79 -5.92 20.42
N PRO A 203 -3.74 -5.14 20.97
CA PRO A 203 -3.83 -3.73 20.57
C PRO A 203 -2.57 -2.93 20.87
N GLN A 204 -2.03 -3.06 22.09
CA GLN A 204 -0.80 -2.35 22.41
C GLN A 204 0.36 -2.82 21.55
N ALA A 205 0.45 -4.13 21.30
CA ALA A 205 1.52 -4.68 20.48
C ALA A 205 1.41 -4.23 19.03
N PHE A 206 0.19 -4.12 18.50
CA PHE A 206 0.03 -3.55 17.17
C PHE A 206 0.58 -2.14 17.12
N SER A 207 0.38 -1.38 18.20
CA SER A 207 1.03 -0.08 18.31
C SER A 207 2.54 -0.22 18.49
N HIS A 208 3.01 -1.08 19.41
CA HIS A 208 4.47 -1.26 19.50
C HIS A 208 5.06 -1.71 18.16
N PHE A 209 4.21 -2.24 17.25
CA PHE A 209 4.58 -2.77 15.94
C PHE A 209 4.66 -1.68 14.84
N THR A 210 3.62 -0.86 14.67
CA THR A 210 3.64 0.13 13.59
C THR A 210 4.75 1.15 13.78
N TYR A 211 5.10 1.47 15.03
CA TYR A 211 6.14 2.45 15.27
C TYR A 211 7.51 1.93 14.86
N GLU A 212 7.79 0.66 15.13
CA GLU A 212 9.10 0.12 14.80
C GLU A 212 9.21 -0.22 13.32
N LEU A 213 8.19 -0.88 12.76
CA LEU A 213 8.28 -1.32 11.37
C LEU A 213 8.20 -0.15 10.38
N SER A 214 7.70 1.01 10.80
CA SER A 214 7.72 2.20 9.96
C SER A 214 9.00 3.01 10.12
N ASN A 215 9.98 2.49 10.85
CA ASN A 215 11.21 3.23 11.15
C ASN A 215 10.90 4.57 11.81
N LYS A 216 9.95 4.54 12.76
CA LYS A 216 9.60 5.67 13.59
C LYS A 216 8.99 6.83 12.80
N GLN A 217 8.47 6.56 11.60
CA GLN A 217 7.82 7.60 10.81
C GLN A 217 6.34 7.75 11.13
N MET A 218 5.74 6.77 11.78
CA MET A 218 4.32 6.83 12.12
C MET A 218 4.05 5.85 13.26
N ILE A 219 2.94 6.09 13.96
CA ILE A 219 2.41 5.15 14.93
C ILE A 219 0.88 5.22 14.85
N VAL A 220 0.24 4.08 15.02
CA VAL A 220 -1.22 3.98 15.00
C VAL A 220 -1.68 3.74 16.42
N VAL A 221 -2.47 4.68 16.96
CA VAL A 221 -3.07 4.53 18.27
C VAL A 221 -4.58 4.70 18.13
N ASP A 222 -5.28 4.93 19.26
CA ASP A 222 -6.75 4.97 19.29
C ASP A 222 -7.34 3.64 18.78
N ILE A 223 -6.78 2.54 19.28
CA ILE A 223 -7.19 1.20 18.86
C ILE A 223 -8.49 0.86 19.59
N GLN A 224 -9.60 0.84 18.87
CA GLN A 224 -10.91 0.64 19.47
C GLN A 224 -11.82 -0.12 18.50
N GLY A 225 -12.80 -0.79 19.05
CA GLY A 225 -13.76 -1.53 18.24
C GLY A 225 -14.35 -2.68 19.03
N VAL A 226 -14.77 -3.72 18.30
CA VAL A 226 -15.38 -4.92 18.87
C VAL A 226 -14.48 -6.10 18.51
N ASP A 227 -14.01 -6.82 19.53
CA ASP A 227 -13.13 -7.98 19.36
C ASP A 227 -11.90 -7.52 18.59
N ASP A 228 -11.55 -8.16 17.45
CA ASP A 228 -10.39 -7.75 16.67
C ASP A 228 -10.78 -7.03 15.39
N LEU A 229 -11.99 -6.48 15.33
CA LEU A 229 -12.40 -5.55 14.30
C LEU A 229 -12.34 -4.13 14.88
N TYR A 230 -11.52 -3.28 14.27
CA TYR A 230 -11.24 -1.95 14.81
C TYR A 230 -11.70 -0.87 13.84
N THR A 231 -11.97 0.30 14.40
CA THR A 231 -12.37 1.46 13.62
C THR A 231 -11.91 2.72 14.35
N ASP A 232 -12.01 3.85 13.66
CA ASP A 232 -11.62 5.16 14.19
C ASP A 232 -10.22 5.19 14.83
N PRO A 233 -9.18 4.80 14.09
CA PRO A 233 -7.82 4.95 14.62
C PRO A 233 -7.32 6.37 14.40
N GLN A 234 -6.16 6.65 14.97
CA GLN A 234 -5.48 7.92 14.79
C GLN A 234 -4.00 7.66 14.59
N ILE A 235 -3.36 8.46 13.74
CA ILE A 235 -1.94 8.33 13.42
C ILE A 235 -1.21 9.54 13.97
N HIS A 236 -0.06 9.31 14.60
CA HIS A 236 0.89 10.36 14.91
C HIS A 236 2.07 10.25 13.95
N THR A 237 2.60 11.40 13.53
CA THR A 237 3.82 11.47 12.75
C THR A 237 4.77 12.47 13.37
N PRO A 238 6.08 12.27 13.24
CA PRO A 238 7.03 13.17 13.92
C PRO A 238 6.92 14.63 13.51
N ASP A 239 6.46 14.93 12.29
CA ASP A 239 6.32 16.31 11.86
C ASP A 239 4.94 16.88 12.15
N GLY A 240 4.01 16.07 12.65
CA GLY A 240 2.67 16.53 12.97
C GLY A 240 1.82 16.92 11.79
N LYS A 241 2.22 16.56 10.57
CA LYS A 241 1.51 16.97 9.36
C LYS A 241 0.58 15.87 8.87
N GLY A 242 -0.60 16.27 8.42
CA GLY A 242 -1.57 15.34 7.89
C GLY A 242 -2.31 14.59 8.97
N PHE A 243 -3.17 13.67 8.51
CA PHE A 243 -3.91 12.75 9.39
C PHE A 243 -4.77 13.48 10.40
N GLY A 244 -5.30 14.65 10.01
CA GLY A 244 -6.28 15.34 10.82
C GLY A 244 -5.69 16.09 12.00
N LEU A 245 -6.59 16.64 12.81
CA LEU A 245 -6.22 17.43 13.98
C LEU A 245 -5.85 16.58 15.18
N GLY A 246 -6.16 15.28 15.16
CA GLY A 246 -5.74 14.39 16.22
C GLY A 246 -4.29 13.94 16.16
N ASN A 247 -3.55 14.44 15.18
CA ASN A 247 -2.12 14.14 15.03
C ASN A 247 -1.35 15.06 15.97
N LEU A 248 -0.87 14.49 17.08
CA LEU A 248 -0.17 15.26 18.11
C LEU A 248 1.35 15.18 17.97
N GLY A 249 1.85 14.75 16.81
CA GLY A 249 3.27 14.86 16.53
C GLY A 249 4.13 14.06 17.48
N LYS A 250 5.33 14.59 17.75
CA LYS A 250 6.26 13.93 18.66
C LYS A 250 5.64 13.75 20.05
N ALA A 251 4.85 14.74 20.50
CA ALA A 251 4.20 14.63 21.79
C ALA A 251 3.32 13.39 21.88
N GLY A 252 2.54 13.13 20.83
CA GLY A 252 1.69 11.94 20.83
C GLY A 252 2.50 10.66 20.81
N ILE A 253 3.58 10.63 20.03
CA ILE A 253 4.46 9.46 20.00
C ILE A 253 5.09 9.24 21.36
N ASN A 254 5.72 10.27 21.92
CA ASN A 254 6.41 10.14 23.19
C ASN A 254 5.44 9.77 24.31
N LYS A 255 4.22 10.30 24.28
CA LYS A 255 3.25 9.98 25.30
C LYS A 255 2.88 8.51 25.29
N PHE A 256 2.88 7.88 24.11
CA PHE A 256 2.63 6.44 24.04
C PHE A 256 3.79 5.66 24.63
N ILE A 257 5.02 6.16 24.46
CA ILE A 257 6.19 5.41 24.91
C ILE A 257 6.27 5.39 26.43
N THR A 258 5.87 6.49 27.08
CA THR A 258 5.97 6.56 28.54
C THR A 258 5.11 5.49 29.21
N THR A 259 3.96 5.17 28.63
CA THR A 259 3.02 4.26 29.26
C THR A 259 3.01 2.88 28.63
N HIS A 260 3.94 2.58 27.71
CA HIS A 260 3.91 1.30 27.02
C HIS A 260 4.85 0.31 27.67
N LYS A 261 4.36 -0.92 27.82
CA LYS A 261 5.17 -2.09 28.16
C LYS A 261 4.91 -3.12 27.07
N CYS A 262 5.85 -3.25 26.12
CA CYS A 262 5.71 -4.32 25.14
C CYS A 262 5.55 -5.65 25.86
N ASN A 263 4.78 -6.55 25.26
CA ASN A 263 4.28 -7.73 25.96
C ASN A 263 4.68 -8.98 25.20
N ALA A 264 3.98 -10.08 25.50
CA ALA A 264 4.27 -11.36 24.86
C ALA A 264 4.07 -11.29 23.36
N VAL A 265 3.10 -10.52 22.89
CA VAL A 265 2.93 -10.35 21.45
C VAL A 265 4.07 -9.52 20.88
N CYS A 266 4.47 -8.46 21.58
CA CYS A 266 5.67 -7.72 21.18
C CYS A 266 6.87 -8.66 21.07
N ALA A 267 7.11 -9.45 22.12
CA ALA A 267 8.23 -10.38 22.11
C ALA A 267 8.10 -11.38 20.98
N LEU A 268 6.90 -11.92 20.76
CA LEU A 268 6.68 -12.88 19.69
C LEU A 268 6.98 -12.26 18.32
N LEU A 269 6.70 -10.97 18.15
CA LEU A 269 7.00 -10.26 16.91
C LEU A 269 8.42 -9.72 16.87
N ASP A 270 9.22 -9.98 17.90
CA ASP A 270 10.64 -9.60 17.94
C ASP A 270 10.82 -8.09 17.91
N LEU A 271 9.92 -7.36 18.53
CA LEU A 271 10.04 -5.91 18.64
C LEU A 271 11.05 -5.53 19.72
N ASP A 272 11.69 -4.39 19.53
CA ASP A 272 12.73 -3.92 20.44
C ASP A 272 12.10 -3.40 21.73
N VAL A 273 12.58 -3.89 22.88
CA VAL A 273 12.02 -3.46 24.16
C VAL A 273 12.38 -2.01 24.47
N LYS A 274 13.37 -1.45 23.77
CA LYS A 274 13.67 -0.03 23.86
C LYS A 274 13.12 0.68 22.63
N LEU A 275 12.49 1.83 22.85
CA LEU A 275 11.84 2.54 21.75
C LEU A 275 12.54 3.87 21.46
N ILE B 18 30.21 -6.25 7.12
CA ILE B 18 30.41 -6.81 8.45
C ILE B 18 31.66 -7.68 8.48
N SER B 19 31.75 -8.62 7.54
CA SER B 19 32.84 -9.58 7.53
C SER B 19 34.14 -8.95 7.03
N SER B 20 35.24 -9.26 7.71
CA SER B 20 36.56 -8.79 7.30
C SER B 20 37.11 -9.53 6.09
N GLU B 21 36.35 -10.46 5.53
CA GLU B 21 36.78 -11.20 4.35
C GLU B 21 36.88 -10.27 3.13
N THR B 22 37.65 -10.70 2.15
CA THR B 22 37.88 -9.88 0.96
C THR B 22 36.60 -9.72 0.15
N GLY B 23 36.29 -8.48 -0.21
CA GLY B 23 35.13 -8.21 -1.03
C GLY B 23 35.14 -6.76 -1.48
N GLU B 24 33.97 -6.27 -1.87
CA GLU B 24 33.80 -4.87 -2.22
C GLU B 24 32.60 -4.30 -1.50
N MET B 25 32.65 -2.98 -1.25
CA MET B 25 31.58 -2.29 -0.54
C MET B 25 30.59 -1.69 -1.54
N GLY B 26 29.40 -1.40 -1.03
CA GLY B 26 28.37 -0.78 -1.85
C GLY B 26 27.33 -0.11 -0.98
N ILE B 27 26.74 0.96 -1.52
CA ILE B 27 25.58 1.59 -0.91
C ILE B 27 24.33 0.83 -1.32
N LEU B 28 23.45 0.56 -0.37
CA LEU B 28 22.31 -0.32 -0.56
C LEU B 28 21.01 0.45 -0.35
N TRP B 29 20.11 0.37 -1.32
CA TRP B 29 18.86 1.10 -1.31
C TRP B 29 17.68 0.14 -1.28
N GLU B 30 16.81 0.30 -0.29
CA GLU B 30 15.59 -0.49 -0.15
C GLU B 30 14.39 0.45 -0.15
N PHE B 31 13.38 0.15 -0.96
CA PHE B 31 12.17 0.95 -1.01
C PHE B 31 11.05 0.26 -0.24
N ASP B 32 10.35 1.02 0.60
CA ASP B 32 9.27 0.50 1.44
C ASP B 32 7.97 1.21 1.09
N PRO B 33 7.04 0.53 0.41
CA PRO B 33 5.85 1.24 -0.11
C PRO B 33 4.90 1.72 0.98
N ILE B 34 4.85 1.06 2.15
CA ILE B 34 3.86 1.45 3.14
C ILE B 34 4.22 2.76 3.83
N ILE B 35 5.49 3.17 3.80
CA ILE B 35 5.91 4.50 4.25
C ILE B 35 6.37 5.36 3.08
N ASN B 36 6.46 4.79 1.87
CA ASN B 36 6.78 5.54 0.66
C ASN B 36 8.11 6.27 0.78
N LYS B 37 9.13 5.59 1.31
CA LYS B 37 10.46 6.18 1.43
C LYS B 37 11.51 5.15 1.07
N TRP B 38 12.69 5.65 0.76
CA TRP B 38 13.86 4.81 0.50
C TRP B 38 14.70 4.69 1.77
N ILE B 39 15.27 3.50 1.97
CA ILE B 39 16.11 3.20 3.12
C ILE B 39 17.52 3.00 2.61
N ARG B 40 18.48 3.72 3.20
CA ARG B 40 19.86 3.74 2.73
C ARG B 40 20.75 2.95 3.69
N LEU B 41 21.48 1.98 3.15
CA LEU B 41 22.29 1.07 3.94
C LEU B 41 23.64 0.91 3.23
N SER B 42 24.43 -0.05 3.72
CA SER B 42 25.66 -0.46 3.05
C SER B 42 25.81 -1.97 3.19
N MET B 43 26.62 -2.56 2.32
CA MET B 43 26.88 -3.98 2.37
C MET B 43 28.21 -4.28 1.70
N LYS B 44 28.74 -5.47 1.98
CA LYS B 44 29.92 -6.00 1.32
C LYS B 44 29.53 -7.27 0.58
N LEU B 45 30.10 -7.45 -0.61
CA LEU B 45 29.73 -8.57 -1.45
C LEU B 45 30.91 -9.00 -2.32
N LYS B 46 30.89 -10.26 -2.73
CA LYS B 46 31.88 -10.84 -3.63
C LYS B 46 31.13 -11.36 -4.86
N VAL B 47 31.37 -10.73 -6.01
CA VAL B 47 30.68 -11.09 -7.25
C VAL B 47 31.62 -11.90 -8.12
N GLU B 48 31.07 -12.93 -8.76
CA GLU B 48 31.85 -13.73 -9.70
C GLU B 48 32.23 -12.91 -10.92
N ARG B 49 33.32 -13.32 -11.58
CA ARG B 49 33.83 -12.57 -12.71
C ARG B 49 32.97 -12.73 -13.95
N LYS B 50 32.34 -13.91 -14.13
CA LYS B 50 31.57 -14.19 -15.33
C LYS B 50 30.09 -14.29 -15.02
N PRO B 51 29.23 -13.82 -15.92
CA PRO B 51 27.79 -13.98 -15.72
C PRO B 51 27.33 -15.39 -16.03
N PHE B 52 26.29 -15.82 -15.29
CA PHE B 52 25.71 -17.13 -15.50
C PHE B 52 24.45 -17.10 -16.36
N ALA B 53 23.97 -15.92 -16.73
CA ALA B 53 22.75 -15.79 -17.51
C ALA B 53 22.70 -14.38 -18.10
N GLU B 54 21.88 -14.22 -19.14
CA GLU B 54 21.73 -12.92 -19.77
C GLU B 54 20.31 -12.77 -20.30
N GLY B 55 19.83 -11.52 -20.26
CA GLY B 55 18.62 -11.12 -20.93
C GLY B 55 18.90 -10.26 -22.14
N ALA B 56 17.89 -9.53 -22.57
CA ALA B 56 18.07 -8.63 -23.71
C ALA B 56 18.97 -7.46 -23.35
N LEU B 57 18.76 -6.88 -22.16
CA LEU B 57 19.48 -5.68 -21.76
C LEU B 57 20.55 -5.93 -20.71
N ARG B 58 20.44 -7.00 -19.92
CA ARG B 58 21.27 -7.16 -18.74
C ARG B 58 21.90 -8.56 -18.68
N GLU B 59 22.90 -8.68 -17.81
CA GLU B 59 23.55 -9.94 -17.48
C GLU B 59 23.47 -10.16 -15.98
N ALA B 60 23.36 -11.42 -15.58
CA ALA B 60 23.21 -11.80 -14.18
C ALA B 60 24.47 -12.47 -13.67
N TYR B 61 24.87 -12.12 -12.45
CA TYR B 61 26.09 -12.65 -11.83
C TYR B 61 25.75 -13.27 -10.48
N HIS B 62 26.39 -14.39 -10.18
CA HIS B 62 26.30 -14.97 -8.85
C HIS B 62 27.11 -14.15 -7.86
N THR B 63 26.50 -13.80 -6.73
CA THR B 63 27.15 -12.98 -5.71
C THR B 63 26.91 -13.59 -4.34
N VAL B 64 27.84 -13.34 -3.42
CA VAL B 64 27.73 -13.80 -2.04
C VAL B 64 27.82 -12.58 -1.13
N SER B 65 26.88 -12.49 -0.19
CA SER B 65 26.84 -11.38 0.75
C SER B 65 27.85 -11.59 1.87
N LEU B 66 28.56 -10.53 2.23
CA LEU B 66 29.48 -10.54 3.36
C LEU B 66 28.99 -9.65 4.49
N GLY B 67 27.69 -9.40 4.56
CA GLY B 67 27.11 -8.63 5.65
C GLY B 67 26.46 -7.32 5.23
N VAL B 68 25.43 -6.91 5.98
CA VAL B 68 24.72 -5.66 5.73
C VAL B 68 24.90 -4.76 6.94
N GLY B 69 25.23 -3.49 6.69
CA GLY B 69 25.40 -2.52 7.76
C GLY B 69 24.66 -1.22 7.51
N THR B 70 25.06 -0.16 8.20
CA THR B 70 24.43 1.15 8.03
C THR B 70 25.22 1.98 7.03
N ASP B 71 24.76 3.21 6.79
CA ASP B 71 25.43 4.14 5.90
C ASP B 71 26.14 5.26 6.65
N GLU B 72 26.48 5.04 7.92
CA GLU B 72 27.07 6.10 8.73
C GLU B 72 28.38 6.60 8.15
N ASN B 73 29.19 5.70 7.59
CA ASN B 73 30.50 6.05 7.08
C ASN B 73 30.47 6.76 5.74
N TYR B 74 29.32 6.82 5.06
CA TYR B 74 29.23 7.33 3.70
C TYR B 74 28.16 8.41 3.61
N PRO B 75 28.40 9.57 4.21
CA PRO B 75 27.39 10.62 4.24
C PRO B 75 27.03 11.11 2.84
N LEU B 76 25.80 11.60 2.71
CA LEU B 76 25.28 12.07 1.42
C LEU B 76 25.81 13.44 1.04
N GLY B 77 26.23 14.25 2.01
CA GLY B 77 26.63 15.62 1.74
C GLY B 77 25.41 16.50 1.51
N TPO B 78 25.57 17.53 0.69
CA TPO B 78 24.46 18.43 0.37
CB TPO B 78 24.97 19.73 -0.18
CG2 TPO B 78 25.43 20.62 0.98
OG1 TPO B 78 26.08 19.47 -1.04
P TPO B 78 25.71 20.08 -2.49
O1P TPO B 78 24.61 21.24 -2.31
O2P TPO B 78 25.12 18.92 -3.43
O3P TPO B 78 26.93 20.66 -3.10
C TPO B 78 23.50 17.75 -0.61
O TPO B 78 23.89 16.87 -1.37
N THR B 79 22.25 18.19 -0.60
CA THR B 79 21.19 17.53 -1.35
C THR B 79 20.61 18.39 -2.46
N THR B 80 21.48 19.10 -3.18
CA THR B 80 21.01 19.97 -4.27
C THR B 80 20.62 19.17 -5.50
N LYS B 81 21.46 18.23 -5.93
CA LYS B 81 21.19 17.42 -7.11
C LYS B 81 21.01 15.95 -6.76
N LEU B 82 20.66 15.65 -5.51
CA LEU B 82 20.63 14.29 -5.02
C LEU B 82 19.37 13.57 -5.49
N PHE B 83 19.55 12.36 -6.04
CA PHE B 83 18.40 11.49 -6.28
C PHE B 83 18.62 10.11 -5.66
N PRO B 84 17.59 9.59 -4.94
CA PRO B 84 16.30 10.24 -4.68
C PRO B 84 16.41 11.46 -3.76
N PRO B 85 15.46 12.37 -3.86
CA PRO B 85 15.52 13.59 -3.04
C PRO B 85 15.49 13.26 -1.55
N ILE B 86 15.97 14.22 -0.75
CA ILE B 86 16.16 13.98 0.68
C ILE B 86 14.83 13.74 1.38
N GLU B 87 13.74 14.35 0.89
CA GLU B 87 12.44 14.15 1.53
C GLU B 87 11.88 12.76 1.25
N MET B 88 12.42 12.03 0.27
CA MET B 88 11.99 10.66 -0.02
C MET B 88 12.83 9.61 0.69
N ILE B 89 13.74 10.03 1.57
CA ILE B 89 14.67 9.12 2.23
C ILE B 89 14.31 9.06 3.72
N SER B 90 14.12 7.86 4.24
CA SER B 90 13.85 7.70 5.65
C SER B 90 15.09 8.05 6.47
N PRO B 91 14.97 8.92 7.48
CA PRO B 91 16.14 9.21 8.33
C PRO B 91 16.56 8.03 9.19
N ILE B 92 15.68 7.05 9.41
CA ILE B 92 15.97 5.88 10.23
C ILE B 92 15.95 4.65 9.35
N SER B 93 16.94 3.77 9.55
CA SER B 93 17.11 2.58 8.73
C SER B 93 17.22 1.31 9.58
N LYS B 94 16.73 1.36 10.83
CA LYS B 94 16.93 0.25 11.75
C LYS B 94 16.25 -1.03 11.25
N ASN B 95 15.06 -0.90 10.66
CA ASN B 95 14.31 -2.04 10.16
C ASN B 95 14.31 -2.04 8.64
N ASN B 96 14.54 -3.22 8.06
CA ASN B 96 14.64 -3.40 6.63
C ASN B 96 14.69 -4.89 6.32
N GLU B 97 14.29 -5.24 5.09
CA GLU B 97 14.35 -6.63 4.66
C GLU B 97 15.77 -7.09 4.40
N ALA B 98 16.65 -6.18 3.99
CA ALA B 98 17.99 -6.56 3.55
C ALA B 98 18.77 -7.28 4.64
N MET B 99 18.60 -6.85 5.90
CA MET B 99 19.45 -7.38 6.97
C MET B 99 19.21 -8.87 7.21
N THR B 100 18.00 -9.36 6.94
CA THR B 100 17.79 -10.80 7.03
C THR B 100 18.03 -11.50 5.70
N GLN B 101 17.49 -10.94 4.60
CA GLN B 101 17.54 -11.62 3.32
C GLN B 101 18.90 -11.51 2.63
N LEU B 102 19.74 -10.57 3.05
CA LEU B 102 21.09 -10.41 2.50
C LEU B 102 22.15 -10.56 3.59
N LYS B 103 21.85 -11.35 4.62
CA LYS B 103 22.79 -11.53 5.71
C LYS B 103 24.03 -12.28 5.23
N ASN B 104 25.11 -12.14 6.02
CA ASN B 104 26.40 -12.74 5.69
C ASN B 104 26.26 -14.21 5.32
N GLY B 105 26.78 -14.57 4.15
CA GLY B 105 26.73 -15.92 3.65
C GLY B 105 25.67 -16.16 2.60
N THR B 106 24.70 -15.25 2.46
CA THR B 106 23.61 -15.45 1.51
C THR B 106 24.11 -15.37 0.08
N LYS B 107 23.68 -16.32 -0.74
CA LYS B 107 23.91 -16.28 -2.18
C LYS B 107 22.77 -15.53 -2.85
N PHE B 108 23.09 -14.59 -3.73
CA PHE B 108 22.07 -13.81 -4.43
C PHE B 108 22.58 -13.47 -5.83
N VAL B 109 21.84 -12.62 -6.53
CA VAL B 109 22.08 -12.32 -7.93
C VAL B 109 22.28 -10.83 -8.11
N LEU B 110 23.27 -10.47 -8.92
CA LEU B 110 23.58 -9.08 -9.28
C LEU B 110 23.43 -8.93 -10.79
N LYS B 111 22.79 -7.84 -11.22
CA LYS B 111 22.49 -7.61 -12.62
C LYS B 111 23.11 -6.30 -13.09
N LEU B 112 23.85 -6.37 -14.19
CA LEU B 112 24.46 -5.20 -14.82
C LEU B 112 23.92 -5.06 -16.24
N TYR B 113 23.74 -3.82 -16.67
CA TYR B 113 23.39 -3.57 -18.06
C TYR B 113 24.58 -3.84 -18.97
N LYS B 114 24.29 -4.36 -20.16
CA LYS B 114 25.33 -4.57 -21.16
C LYS B 114 25.81 -3.21 -21.68
N LYS B 115 26.91 -3.25 -22.42
CA LYS B 115 27.41 -2.02 -23.05
C LYS B 115 26.64 -1.68 -24.33
N GLU B 116 25.93 -2.66 -24.91
CA GLU B 116 24.99 -2.33 -25.98
C GLU B 116 23.92 -1.37 -25.47
N ALA B 117 23.32 -1.69 -24.34
CA ALA B 117 22.25 -0.89 -23.74
C ALA B 117 22.74 -0.15 -22.50
N GLU B 118 23.99 0.31 -22.52
CA GLU B 118 24.44 1.26 -21.50
C GLU B 118 23.62 2.54 -21.58
N GLN B 119 23.42 3.05 -22.80
CA GLN B 119 22.45 4.10 -23.02
C GLN B 119 21.06 3.64 -22.56
N GLN B 120 20.15 4.60 -22.43
CA GLN B 120 18.80 4.40 -21.90
C GLN B 120 18.81 3.76 -20.51
N ALA B 121 19.92 3.93 -19.77
CA ALA B 121 20.02 3.47 -18.38
C ALA B 121 20.56 4.62 -17.55
N SER B 122 19.65 5.37 -16.91
CA SER B 122 20.01 6.48 -16.05
C SER B 122 19.89 6.05 -14.58
N ARG B 123 20.29 6.95 -13.68
CA ARG B 123 20.15 6.68 -12.26
C ARG B 123 18.68 6.54 -11.87
N GLU B 124 17.82 7.38 -12.46
CA GLU B 124 16.40 7.35 -12.12
C GLU B 124 15.75 6.01 -12.48
N LEU B 125 16.24 5.34 -13.52
CA LEU B 125 15.61 4.11 -13.96
C LEU B 125 15.93 2.93 -13.05
N TYR B 126 17.10 2.91 -12.42
CA TYR B 126 17.41 1.87 -11.45
C TYR B 126 16.43 1.91 -10.28
N PHE B 127 16.22 3.12 -9.72
CA PHE B 127 15.30 3.25 -8.59
C PHE B 127 13.86 3.01 -9.02
N GLU B 128 13.48 3.46 -10.22
CA GLU B 128 12.12 3.26 -10.69
C GLU B 128 11.83 1.77 -10.89
N ALA B 129 12.82 1.01 -11.38
CA ALA B 129 12.63 -0.43 -11.57
C ALA B 129 12.46 -1.15 -10.24
N VAL B 130 13.26 -0.80 -9.24
CA VAL B 130 13.13 -1.44 -7.92
C VAL B 130 11.79 -1.08 -7.29
N LYS B 131 11.38 0.18 -7.40
CA LYS B 131 10.07 0.59 -6.92
C LYS B 131 8.96 -0.21 -7.60
N MET B 132 9.09 -0.41 -8.92
CA MET B 132 8.06 -1.14 -9.66
C MET B 132 7.91 -2.57 -9.13
N GLN B 133 9.02 -3.23 -8.81
CA GLN B 133 8.92 -4.59 -8.28
C GLN B 133 8.30 -4.61 -6.88
N MET B 134 8.57 -3.58 -6.07
CA MET B 134 7.93 -3.50 -4.77
C MET B 134 6.43 -3.29 -4.90
N VAL B 135 6.00 -2.55 -5.92
CA VAL B 135 4.57 -2.33 -6.14
C VAL B 135 3.90 -3.64 -6.55
N CYS B 136 4.52 -4.38 -7.48
CA CYS B 136 3.98 -5.69 -7.85
C CYS B 136 3.96 -6.64 -6.66
N ARG B 137 4.94 -6.51 -5.77
CA ARG B 137 4.95 -7.29 -4.54
C ARG B 137 3.68 -7.05 -3.73
N ASP B 138 3.22 -5.79 -3.67
CA ASP B 138 1.96 -5.49 -3.01
C ASP B 138 0.77 -6.14 -3.72
N TRP B 139 0.81 -6.18 -5.06
CA TRP B 139 -0.29 -6.79 -5.80
C TRP B 139 -0.33 -8.30 -5.62
N GLY B 140 0.82 -8.92 -5.40
CA GLY B 140 0.83 -10.34 -5.08
C GLY B 140 0.12 -10.65 -3.78
N ASN B 141 0.39 -9.86 -2.74
CA ASN B 141 -0.29 -10.05 -1.47
C ASN B 141 -1.79 -9.81 -1.60
N LYS B 142 -2.17 -8.80 -2.41
CA LYS B 142 -3.59 -8.57 -2.67
C LYS B 142 -4.21 -9.74 -3.40
N PHE B 143 -3.46 -10.35 -4.32
CA PHE B 143 -3.92 -11.54 -5.03
C PHE B 143 -4.06 -12.73 -4.08
N ASN B 144 -3.11 -12.88 -3.14
CA ASN B 144 -3.11 -14.04 -2.26
C ASN B 144 -4.23 -13.98 -1.23
N GLN B 145 -4.66 -12.77 -0.85
CA GLN B 145 -5.76 -12.64 0.10
C GLN B 145 -7.04 -13.29 -0.42
N LYS B 146 -7.20 -13.36 -1.74
CA LYS B 146 -8.36 -14.02 -2.32
C LYS B 146 -8.30 -15.53 -2.22
N LYS B 147 -7.21 -16.08 -1.70
CA LYS B 147 -6.99 -17.51 -1.49
C LYS B 147 -7.08 -18.27 -2.81
N PRO B 148 -6.19 -18.01 -3.76
CA PRO B 148 -6.21 -18.75 -5.02
C PRO B 148 -5.61 -20.14 -4.83
N PRO B 149 -5.75 -21.03 -5.81
CA PRO B 149 -5.13 -22.36 -5.67
C PRO B 149 -3.63 -22.30 -5.46
N LYS B 150 -2.94 -21.43 -6.18
CA LYS B 150 -1.50 -21.22 -6.01
C LYS B 150 -1.25 -19.76 -5.68
N LYS B 151 -0.59 -19.52 -4.56
CA LYS B 151 -0.19 -18.16 -4.21
C LYS B 151 1.01 -17.75 -5.03
N ILE B 152 1.10 -16.46 -5.34
CA ILE B 152 2.24 -15.91 -6.04
C ILE B 152 3.02 -15.01 -5.08
N GLU B 153 4.28 -14.78 -5.41
CA GLU B 153 5.13 -13.91 -4.60
C GLU B 153 6.22 -13.33 -5.49
N PHE B 154 6.47 -12.03 -5.33
CA PHE B 154 7.52 -11.34 -6.05
C PHE B 154 8.74 -11.13 -5.15
N LEU B 155 9.92 -11.41 -5.69
CA LEU B 155 11.15 -11.26 -4.92
C LEU B 155 11.41 -9.81 -4.58
N MET B 156 12.16 -9.60 -3.50
CA MET B 156 12.69 -8.29 -3.19
C MET B 156 13.68 -7.85 -4.26
N SER B 157 13.92 -6.54 -4.31
CA SER B 157 14.90 -5.98 -5.23
C SER B 157 15.51 -4.74 -4.59
N TRP B 158 16.77 -4.49 -4.93
CA TRP B 158 17.53 -3.40 -4.34
C TRP B 158 18.44 -2.75 -5.38
N VAL B 159 18.67 -1.45 -5.23
CA VAL B 159 19.70 -0.72 -5.96
C VAL B 159 20.98 -0.75 -5.13
N VAL B 160 22.12 -0.97 -5.79
CA VAL B 160 23.41 -0.97 -5.11
C VAL B 160 24.39 -0.12 -5.91
N GLU B 161 25.06 0.82 -5.23
CA GLU B 161 26.09 1.65 -5.82
C GLU B 161 27.44 1.02 -5.49
N LEU B 162 28.14 0.54 -6.53
CA LEU B 162 29.43 -0.14 -6.34
C LEU B 162 30.51 0.93 -6.18
N ILE B 163 30.67 1.40 -4.94
CA ILE B 163 31.51 2.56 -4.67
C ILE B 163 32.99 2.23 -4.75
N ASP B 164 33.37 0.96 -4.71
CA ASP B 164 34.79 0.61 -4.81
C ASP B 164 35.30 0.60 -6.25
N ARG B 165 34.43 0.78 -7.24
CA ARG B 165 34.82 0.74 -8.64
C ARG B 165 34.92 2.14 -9.22
N SER B 166 35.69 2.24 -10.31
CA SER B 166 35.89 3.52 -10.96
C SER B 166 34.61 3.95 -11.68
N PRO B 167 34.25 5.24 -11.61
CA PRO B 167 33.04 5.79 -12.25
C PRO B 167 33.20 6.00 -13.75
N PRO B 173 29.31 7.08 -11.11
CA PRO B 173 29.44 5.89 -10.25
C PRO B 173 28.66 4.69 -10.79
N ILE B 174 29.20 3.49 -10.59
CA ILE B 174 28.65 2.28 -11.19
C ILE B 174 27.44 1.81 -10.39
N LEU B 175 26.32 1.63 -11.09
CA LEU B 175 25.09 1.17 -10.46
C LEU B 175 24.76 -0.25 -10.93
N CYS B 176 23.88 -0.89 -10.18
CA CYS B 176 23.39 -2.23 -10.48
C CYS B 176 22.16 -2.49 -9.63
N SER B 177 21.54 -3.64 -9.86
CA SER B 177 20.43 -4.10 -9.02
C SER B 177 20.74 -5.52 -8.56
N ILE B 178 20.26 -5.84 -7.36
CA ILE B 178 20.45 -7.16 -6.78
C ILE B 178 19.11 -7.70 -6.34
N GLU B 179 19.03 -9.03 -6.21
CA GLU B 179 17.81 -9.71 -5.82
C GLU B 179 18.18 -11.11 -5.35
N PRO B 180 17.26 -11.80 -4.67
CA PRO B 180 17.54 -13.17 -4.24
C PRO B 180 17.76 -14.11 -5.42
N LEU B 181 18.39 -15.25 -5.12
CA LEU B 181 18.68 -16.27 -6.12
C LEU B 181 17.51 -17.23 -6.25
N LEU B 182 17.06 -17.46 -7.49
CA LEU B 182 16.03 -18.45 -7.78
C LEU B 182 16.71 -19.76 -8.18
N VAL B 183 16.22 -20.87 -7.62
CA VAL B 183 16.74 -22.20 -7.91
C VAL B 183 15.62 -22.98 -8.60
N GLY B 184 15.85 -23.37 -9.84
CA GLY B 184 14.89 -24.11 -10.61
C GLY B 184 14.88 -23.62 -12.04
N GLU B 185 13.88 -24.07 -12.80
CA GLU B 185 13.78 -23.71 -14.21
C GLU B 185 13.08 -22.37 -14.35
N PHE B 186 13.81 -21.37 -14.82
CA PHE B 186 13.28 -20.03 -15.02
C PHE B 186 12.44 -20.01 -16.29
N LYS B 187 11.16 -19.62 -16.18
CA LYS B 187 10.27 -19.61 -17.32
C LYS B 187 9.47 -18.32 -17.36
N LYS B 188 9.25 -17.80 -18.56
CA LYS B 188 8.49 -16.58 -18.79
C LYS B 188 7.11 -16.93 -19.31
N ASN B 189 6.07 -16.41 -18.65
CA ASN B 189 4.70 -16.82 -18.93
C ASN B 189 3.94 -15.84 -19.81
N ASN B 190 4.22 -14.55 -19.72
CA ASN B 190 3.70 -13.59 -20.69
C ASN B 190 4.71 -12.46 -20.87
N SER B 191 4.53 -11.69 -21.93
CA SER B 191 5.38 -10.55 -22.22
C SER B 191 4.65 -9.27 -21.87
N ASN B 192 5.28 -8.14 -22.17
CA ASN B 192 4.65 -6.84 -21.95
C ASN B 192 3.91 -6.33 -23.18
N TYR B 193 3.69 -7.19 -24.18
CA TYR B 193 2.91 -6.78 -25.35
C TYR B 193 2.15 -7.97 -25.93
N GLY B 194 1.47 -8.73 -25.07
CA GLY B 194 0.40 -9.60 -25.49
C GLY B 194 0.75 -11.07 -25.66
N ALA B 195 2.02 -11.44 -25.59
CA ALA B 195 2.38 -12.84 -25.78
C ALA B 195 1.96 -13.68 -24.58
N VAL B 196 1.47 -14.88 -24.85
CA VAL B 196 1.12 -15.86 -23.82
C VAL B 196 2.00 -17.08 -24.07
N LEU B 197 2.96 -17.32 -23.19
CA LEU B 197 4.08 -18.21 -23.49
C LEU B 197 4.00 -19.57 -22.79
N THR B 198 3.09 -19.76 -21.84
CA THR B 198 2.94 -21.07 -21.20
C THR B 198 1.46 -21.37 -21.03
N ASN B 199 1.17 -22.64 -20.73
CA ASN B 199 -0.20 -23.10 -20.52
C ASN B 199 -0.69 -22.90 -19.09
N ARG B 200 0.15 -22.37 -18.20
CA ARG B 200 -0.23 -22.24 -16.80
C ARG B 200 -1.31 -21.17 -16.64
N SER B 201 -2.20 -21.40 -15.66
CA SER B 201 -3.35 -20.54 -15.43
C SER B 201 -3.05 -19.37 -14.49
N THR B 202 -2.40 -19.65 -13.36
CA THR B 202 -2.14 -18.63 -12.36
C THR B 202 -1.47 -17.37 -12.91
N PRO B 203 -0.40 -17.46 -13.71
CA PRO B 203 0.22 -16.22 -14.23
C PRO B 203 -0.72 -15.37 -15.05
N GLN B 204 -1.54 -15.98 -15.91
CA GLN B 204 -2.47 -15.19 -16.72
C GLN B 204 -3.64 -14.66 -15.90
N ALA B 205 -4.08 -15.42 -14.89
CA ALA B 205 -5.15 -14.95 -14.02
C ALA B 205 -4.70 -13.78 -13.15
N PHE B 206 -3.42 -13.76 -12.76
CA PHE B 206 -2.93 -12.66 -11.92
C PHE B 206 -2.88 -11.36 -12.72
N SER B 207 -2.36 -11.41 -13.94
CA SER B 207 -2.38 -10.24 -14.80
C SER B 207 -3.79 -9.71 -14.99
N HIS B 208 -4.75 -10.62 -15.22
CA HIS B 208 -6.14 -10.23 -15.35
C HIS B 208 -6.68 -9.65 -14.04
N PHE B 209 -6.29 -10.27 -12.90
CA PHE B 209 -6.70 -9.78 -11.60
C PHE B 209 -6.32 -8.32 -11.40
N THR B 210 -5.09 -7.94 -11.77
CA THR B 210 -4.66 -6.56 -11.61
C THR B 210 -5.35 -5.64 -12.60
N TYR B 211 -5.70 -6.15 -13.78
CA TYR B 211 -6.44 -5.34 -14.75
C TYR B 211 -7.79 -4.92 -14.19
N GLU B 212 -8.53 -5.86 -13.61
CA GLU B 212 -9.88 -5.57 -13.14
C GLU B 212 -9.87 -4.86 -11.79
N LEU B 213 -9.08 -5.35 -10.83
CA LEU B 213 -9.12 -4.78 -9.48
C LEU B 213 -8.55 -3.38 -9.42
N SER B 214 -7.70 -2.99 -10.37
CA SER B 214 -7.14 -1.64 -10.41
C SER B 214 -8.01 -0.65 -11.17
N ASN B 215 -9.19 -1.07 -11.62
CA ASN B 215 -10.04 -0.25 -12.50
C ASN B 215 -9.27 0.16 -13.74
N LYS B 216 -8.51 -0.79 -14.31
CA LYS B 216 -7.73 -0.60 -15.54
C LYS B 216 -6.68 0.50 -15.39
N GLN B 217 -6.28 0.83 -14.17
CA GLN B 217 -5.27 1.86 -13.96
C GLN B 217 -3.85 1.29 -13.84
N MET B 218 -3.70 -0.02 -13.70
CA MET B 218 -2.40 -0.62 -13.42
C MET B 218 -2.44 -2.10 -13.75
N ILE B 219 -1.65 -2.52 -14.74
CA ILE B 219 -1.65 -3.90 -15.22
C ILE B 219 -0.25 -4.46 -15.06
N VAL B 220 -0.15 -5.65 -14.45
CA VAL B 220 1.13 -6.30 -14.20
C VAL B 220 1.30 -7.44 -15.19
N VAL B 221 2.30 -7.33 -16.06
CA VAL B 221 2.62 -8.36 -17.04
C VAL B 221 4.09 -8.73 -16.90
N ASP B 222 4.65 -9.37 -17.92
CA ASP B 222 6.02 -9.89 -17.87
C ASP B 222 6.19 -10.85 -16.67
N ILE B 223 5.21 -11.74 -16.52
CA ILE B 223 5.17 -12.65 -15.38
C ILE B 223 6.14 -13.80 -15.64
N GLN B 224 7.28 -13.79 -14.95
CA GLN B 224 8.34 -14.76 -15.18
C GLN B 224 9.01 -15.12 -13.86
N GLY B 225 9.64 -16.28 -13.83
CA GLY B 225 10.36 -16.74 -12.67
C GLY B 225 10.39 -18.25 -12.60
N VAL B 226 10.58 -18.76 -11.39
CA VAL B 226 10.63 -20.20 -11.12
C VAL B 226 9.43 -20.55 -10.25
N ASP B 227 8.60 -21.47 -10.75
CA ASP B 227 7.36 -21.89 -10.07
C ASP B 227 6.51 -20.65 -9.84
N ASP B 228 6.17 -20.29 -8.61
CA ASP B 228 5.35 -19.12 -8.32
C ASP B 228 6.13 -18.04 -7.58
N LEU B 229 7.46 -18.06 -7.66
CA LEU B 229 8.30 -16.93 -7.27
C LEU B 229 8.67 -16.16 -8.52
N TYR B 230 8.28 -14.89 -8.57
CA TYR B 230 8.41 -14.11 -9.79
C TYR B 230 9.34 -12.92 -9.59
N THR B 231 9.92 -12.46 -10.70
CA THR B 231 10.82 -11.32 -10.71
C THR B 231 10.76 -10.67 -12.08
N ASP B 232 11.35 -9.49 -12.18
CA ASP B 232 11.35 -8.69 -13.41
C ASP B 232 9.97 -8.52 -14.05
N PRO B 233 8.98 -8.01 -13.31
CA PRO B 233 7.67 -7.74 -13.91
C PRO B 233 7.70 -6.40 -14.64
N GLN B 234 6.60 -6.10 -15.31
CA GLN B 234 6.42 -4.80 -15.95
C GLN B 234 4.99 -4.33 -15.72
N ILE B 235 4.83 -3.03 -15.52
CA ILE B 235 3.53 -2.41 -15.26
C ILE B 235 3.17 -1.49 -16.41
N HIS B 236 1.95 -1.62 -16.91
CA HIS B 236 1.36 -0.64 -17.82
C HIS B 236 0.41 0.27 -17.03
N THR B 237 0.44 1.55 -17.36
CA THR B 237 -0.50 2.54 -16.82
C THR B 237 -1.06 3.36 -17.97
N PRO B 238 -2.30 3.82 -17.87
CA PRO B 238 -2.93 4.49 -19.02
C PRO B 238 -2.19 5.72 -19.52
N ASP B 239 -1.55 6.49 -18.63
CA ASP B 239 -0.80 7.66 -19.06
C ASP B 239 0.62 7.31 -19.51
N GLY B 240 1.06 6.07 -19.33
CA GLY B 240 2.39 5.67 -19.70
C GLY B 240 3.50 6.28 -18.88
N LYS B 241 3.17 6.97 -17.79
CA LYS B 241 4.16 7.66 -16.98
C LYS B 241 4.69 6.74 -15.89
N GLY B 242 6.01 6.83 -15.65
CA GLY B 242 6.64 6.03 -14.62
C GLY B 242 6.84 4.59 -15.04
N PHE B 243 7.42 3.82 -14.11
CA PHE B 243 7.61 2.38 -14.26
C PHE B 243 8.48 2.05 -15.48
N GLY B 244 9.49 2.87 -15.74
CA GLY B 244 10.48 2.56 -16.75
C GLY B 244 9.98 2.67 -18.17
N LEU B 245 10.86 2.26 -19.09
CA LEU B 245 10.60 2.36 -20.52
C LEU B 245 9.72 1.23 -21.05
N GLY B 246 9.57 0.14 -20.29
CA GLY B 246 8.69 -0.93 -20.68
C GLY B 246 7.22 -0.66 -20.46
N ASN B 247 6.87 0.52 -19.96
CA ASN B 247 5.49 0.92 -19.77
C ASN B 247 4.94 1.37 -21.12
N LEU B 248 4.08 0.55 -21.72
CA LEU B 248 3.54 0.82 -23.06
C LEU B 248 2.14 1.41 -23.02
N GLY B 249 1.70 1.90 -21.86
CA GLY B 249 0.48 2.68 -21.77
C GLY B 249 -0.77 1.92 -22.16
N LYS B 250 -1.71 2.65 -22.76
CA LYS B 250 -2.98 2.05 -23.18
C LYS B 250 -2.75 0.97 -24.24
N ALA B 251 -1.75 1.15 -25.10
CA ALA B 251 -1.44 0.12 -26.09
C ALA B 251 -1.11 -1.20 -25.42
N GLY B 252 -0.26 -1.16 -24.39
CA GLY B 252 0.07 -2.38 -23.67
C GLY B 252 -1.12 -2.95 -22.92
N ILE B 253 -1.95 -2.08 -22.36
CA ILE B 253 -3.15 -2.54 -21.65
C ILE B 253 -4.12 -3.20 -22.61
N ASN B 254 -4.41 -2.55 -23.74
CA ASN B 254 -5.30 -3.13 -24.73
C ASN B 254 -4.74 -4.42 -25.29
N LYS B 255 -3.43 -4.46 -25.56
CA LYS B 255 -2.83 -5.65 -26.16
C LYS B 255 -2.92 -6.86 -25.25
N PHE B 256 -2.84 -6.66 -23.92
CA PHE B 256 -2.96 -7.80 -23.03
C PHE B 256 -4.38 -8.36 -23.02
N ILE B 257 -5.38 -7.48 -22.90
CA ILE B 257 -6.74 -7.95 -22.66
C ILE B 257 -7.30 -8.61 -23.92
N THR B 258 -6.87 -8.19 -25.11
CA THR B 258 -7.40 -8.76 -26.33
C THR B 258 -6.92 -10.18 -26.57
N THR B 259 -5.73 -10.53 -26.07
CA THR B 259 -5.18 -11.86 -26.26
C THR B 259 -5.40 -12.76 -25.05
N HIS B 260 -6.20 -12.33 -24.09
CA HIS B 260 -6.41 -13.06 -22.84
C HIS B 260 -7.66 -13.92 -22.91
N LYS B 261 -7.50 -15.22 -22.69
CA LYS B 261 -8.59 -16.15 -22.43
C LYS B 261 -8.54 -16.51 -20.95
N CYS B 262 -9.58 -16.16 -20.21
CA CYS B 262 -9.51 -16.48 -18.79
C CYS B 262 -9.69 -17.98 -18.58
N ASN B 263 -9.22 -18.45 -17.44
CA ASN B 263 -9.16 -19.87 -17.09
C ASN B 263 -9.95 -20.12 -15.81
N ALA B 264 -9.77 -21.31 -15.23
CA ALA B 264 -10.50 -21.68 -14.03
C ALA B 264 -10.17 -20.75 -12.87
N VAL B 265 -8.93 -20.26 -12.80
CA VAL B 265 -8.57 -19.34 -11.72
C VAL B 265 -9.29 -18.01 -11.90
N CYS B 266 -9.38 -17.52 -13.14
CA CYS B 266 -10.19 -16.34 -13.41
C CYS B 266 -11.61 -16.53 -12.92
N ALA B 267 -12.20 -17.70 -13.22
CA ALA B 267 -13.56 -17.97 -12.77
C ALA B 267 -13.64 -18.02 -11.25
N LEU B 268 -12.65 -18.65 -10.60
CA LEU B 268 -12.64 -18.70 -9.15
C LEU B 268 -12.58 -17.31 -8.54
N LEU B 269 -11.87 -16.38 -9.18
CA LEU B 269 -11.76 -15.03 -8.68
C LEU B 269 -12.91 -14.13 -9.11
N ASP B 270 -13.86 -14.66 -9.89
CA ASP B 270 -15.06 -13.93 -10.30
C ASP B 270 -14.73 -12.72 -11.17
N LEU B 271 -13.74 -12.89 -12.04
CA LEU B 271 -13.40 -11.85 -13.01
C LEU B 271 -14.35 -11.89 -14.20
N ASP B 272 -14.45 -10.76 -14.90
CA ASP B 272 -15.27 -10.70 -16.10
C ASP B 272 -14.67 -11.59 -17.19
N VAL B 273 -15.52 -12.41 -17.81
CA VAL B 273 -15.05 -13.43 -18.74
C VAL B 273 -14.63 -12.78 -20.05
N LYS B 274 -13.44 -13.11 -20.52
CA LYS B 274 -12.92 -12.65 -21.81
C LYS B 274 -12.67 -13.86 -22.69
N LEU B 275 -12.95 -13.70 -23.99
CA LEU B 275 -12.90 -14.82 -24.93
C LEU B 275 -11.80 -14.66 -25.97
P PO4 C . -5.24 -10.45 23.84
O1 PO4 C . -6.73 -10.66 24.02
O2 PO4 C . -4.61 -10.16 25.19
O3 PO4 C . -5.00 -9.29 22.92
O4 PO4 C . -4.63 -11.70 23.24
ZN ZN D . 5.70 -3.15 22.66
C1 GOL E . -14.93 10.85 -12.01
O1 GOL E . -14.28 11.21 -13.22
C2 GOL E . -16.05 9.86 -12.33
O2 GOL E . -16.05 9.56 -13.71
C3 GOL E . -15.84 8.57 -11.52
O3 GOL E . -16.65 7.55 -12.08
P AMP F . -16.59 7.58 17.69
O1P AMP F . -17.20 8.92 18.04
O2P AMP F . -15.26 7.32 18.36
O3P AMP F . -16.66 7.26 16.22
O5' AMP F . -17.54 6.50 18.37
C5' AMP F . -18.77 6.86 18.99
C4' AMP F . -19.46 5.63 19.52
O4' AMP F . -20.21 5.01 18.45
C3' AMP F . -18.54 4.53 20.02
O3' AMP F . -18.16 4.70 21.37
C2' AMP F . -19.32 3.25 19.76
O2' AMP F . -20.20 2.97 20.85
C1' AMP F . -20.17 3.62 18.54
N9 AMP F . -19.61 3.09 17.28
C8 AMP F . -18.60 3.66 16.60
N7 AMP F . -18.32 2.96 15.46
C5 AMP F . -19.18 1.93 15.41
C6 AMP F . -19.44 0.80 14.48
N6 AMP F . -18.71 0.64 13.35
N1 AMP F . -20.44 -0.06 14.79
C2 AMP F . -21.18 0.10 15.91
N3 AMP F . -21.00 1.09 16.79
C4 AMP F . -20.02 2.02 16.61
P PO4 G . -1.22 -23.53 -12.79
O1 PO4 G . -2.04 -24.22 -11.73
O2 PO4 G . -1.10 -22.07 -12.45
O3 PO4 G . -1.92 -23.67 -14.13
O4 PO4 G . 0.15 -24.14 -12.86
ZN ZN H . -9.23 -14.00 -17.15
C1 GOL I . 19.83 9.82 6.84
O1 GOL I . 19.72 10.58 5.65
C2 GOL I . 19.83 8.34 6.50
O2 GOL I . 20.49 8.15 5.28
C3 GOL I . 20.59 7.58 7.59
O3 GOL I . 20.43 6.19 7.38
P AMP J . 16.66 -10.59 -17.04
O1P AMP J . 16.25 -9.96 -15.74
O2P AMP J . 17.45 -9.68 -17.96
O3P AMP J . 15.57 -11.36 -17.76
O5' AMP J . 17.70 -11.71 -16.62
C5' AMP J . 18.25 -12.59 -17.59
C4' AMP J . 18.20 -14.03 -17.15
O4' AMP J . 18.78 -14.16 -15.82
C3' AMP J . 16.81 -14.62 -17.00
O3' AMP J . 16.24 -15.03 -18.25
C2' AMP J . 17.04 -15.78 -16.03
O2' AMP J . 17.56 -16.91 -16.71
C1' AMP J . 18.13 -15.20 -15.13
N9 AMP J . 17.58 -14.64 -13.88
C8 AMP J . 16.90 -13.49 -13.77
N7 AMP J . 16.53 -13.24 -12.49
C5 AMP J . 17.00 -14.26 -11.73
C6 AMP J . 16.96 -14.62 -10.30
N6 AMP J . 16.34 -13.82 -9.39
N1 AMP J . 17.56 -15.77 -9.93
C2 AMP J . 18.18 -16.57 -10.81
N3 AMP J . 18.25 -16.30 -12.14
C4 AMP J . 17.68 -15.18 -12.65
#